data_2B7C
#
_entry.id   2B7C
#
_cell.length_a   65.75
_cell.length_b   93.53
_cell.length_c   93.30
_cell.angle_alpha   90
_cell.angle_beta   90
_cell.angle_gamma   90
#
_symmetry.space_group_name_H-M   'P 21 21 21'
#
loop_
_entity.id
_entity.type
_entity.pdbx_description
1 polymer 'Elongation factor 1-alpha'
2 polymer 'elongation factor-1 beta'
3 water water
#
loop_
_entity_poly.entity_id
_entity_poly.type
_entity_poly.pdbx_seq_one_letter_code
_entity_poly.pdbx_strand_id
1 'polypeptide(L)'
;MGKEKSHINVVVIGHVDSGKSTTTGHLIYKCGGIDKRTIEKFEKEAAELGKGSFKYAWVLDKLKAERERGITIDIALWKF
ETPKYQVTVIDAPGHRDFIKNMITGTSQADCAILIIAGGVGEFEAGISKDGQTREHALLAFTLGVRQLIVAVNKMDSVKW
DESRFQEIVKETSNFIKKVGYNPKTVPFVPISGWNGDNMIEATTNAPWYKGWEKETKAGVVKGKTLLEAIDAIEQPSRPT
DKPLRLPLQDVYKIGGIGTVPVGRVETGVIKPGMVVTFAPAGVTTEVKSVEMHHEQLEQGVPGDNVGFNVKNVSVKEIRR
GNVCGDAKNDPPKGCASFNATVIVLNHPGQISAGYSPVLDCHTAHIACRFDELLEKNDRRSGKKLEDHPKFLKSGDAALV
KFVPSKPMCVEAFSEYPPLGRFAVRDMRQTVAVGVIKSVDKTEKAAKVTKAAQKAAKK
;
A
2 'polypeptide(L)'
;KPAKPAAKSIVTLDVKPWDDETNLEEMVANVKAIEMEGLTWGAHQFIPIGFGIKKLQINCVVEDDKVSLDDLQQSIEEDE
DHVQSTDIAAMQAL
;
B
#
# COMPACT_ATOMS: atom_id res chain seq x y z
N LYS A 5 -11.25 -9.21 17.22
CA LYS A 5 -10.98 -9.78 15.87
C LYS A 5 -9.57 -9.44 15.38
N SER A 6 -8.98 -10.37 14.64
CA SER A 6 -7.67 -10.12 14.05
C SER A 6 -7.78 -9.13 12.89
N HIS A 7 -6.72 -8.50 12.51
CA HIS A 7 -6.77 -7.53 11.42
C HIS A 7 -5.99 -8.00 10.20
N ILE A 8 -6.52 -7.67 9.02
CA ILE A 8 -5.85 -8.03 7.78
C ILE A 8 -6.00 -6.90 6.76
N ASN A 9 -5.07 -6.86 5.81
CA ASN A 9 -5.08 -5.87 4.75
C ASN A 9 -5.34 -6.58 3.42
N VAL A 10 -6.21 -5.99 2.61
CA VAL A 10 -6.53 -6.55 1.31
C VAL A 10 -6.41 -5.46 0.26
N VAL A 11 -5.87 -5.80 -0.90
CA VAL A 11 -5.75 -4.83 -1.99
C VAL A 11 -6.61 -5.35 -3.14
N VAL A 12 -7.44 -4.48 -3.68
CA VAL A 12 -8.31 -4.85 -4.79
C VAL A 12 -7.71 -4.32 -6.09
N ILE A 13 -7.52 -5.20 -7.07
CA ILE A 13 -6.93 -4.80 -8.34
C ILE A 13 -7.82 -5.20 -9.51
N GLY A 14 -7.68 -4.49 -10.62
CA GLY A 14 -8.49 -4.79 -11.79
C GLY A 14 -8.51 -3.65 -12.79
N HIS A 15 -8.97 -3.97 -14.00
CA HIS A 15 -9.07 -3.02 -15.11
C HIS A 15 -10.11 -1.96 -14.82
N VAL A 16 -9.99 -0.80 -15.46
CA VAL A 16 -10.94 0.29 -15.23
C VAL A 16 -12.39 -0.10 -15.49
N ASP A 17 -12.61 -1.07 -16.37
CA ASP A 17 -13.97 -1.50 -16.69
C ASP A 17 -14.41 -2.78 -15.95
N SER A 18 -13.63 -3.17 -14.94
CA SER A 18 -13.92 -4.38 -14.18
C SER A 18 -15.02 -4.19 -13.14
N GLY A 19 -15.27 -2.94 -12.75
CA GLY A 19 -16.28 -2.67 -11.76
C GLY A 19 -15.76 -2.98 -10.36
N LYS A 20 -14.45 -2.96 -10.20
CA LYS A 20 -13.85 -3.25 -8.90
C LYS A 20 -14.15 -2.19 -7.84
N SER A 21 -14.34 -0.94 -8.25
CA SER A 21 -14.65 0.10 -7.27
C SER A 21 -16.10 0.02 -6.80
N THR A 22 -17.01 -0.33 -7.71
CA THR A 22 -18.40 -0.49 -7.36
C THR A 22 -18.53 -1.70 -6.43
N THR A 23 -17.78 -2.75 -6.75
CA THR A 23 -17.79 -3.97 -5.94
C THR A 23 -17.24 -3.68 -4.55
N THR A 24 -16.11 -2.98 -4.49
CA THR A 24 -15.49 -2.65 -3.23
C THR A 24 -16.44 -1.80 -2.38
N GLY A 25 -17.05 -0.79 -3.00
CA GLY A 25 -17.97 0.07 -2.28
C GLY A 25 -19.12 -0.70 -1.66
N HIS A 26 -19.66 -1.67 -2.39
CA HIS A 26 -20.79 -2.48 -1.91
C HIS A 26 -20.41 -3.26 -0.66
N LEU A 27 -19.23 -3.86 -0.66
CA LEU A 27 -18.75 -4.62 0.49
C LEU A 27 -18.65 -3.75 1.73
N ILE A 28 -17.98 -2.61 1.62
CA ILE A 28 -17.83 -1.73 2.77
C ILE A 28 -19.20 -1.28 3.25
N TYR A 29 -20.02 -0.81 2.33
CA TYR A 29 -21.36 -0.34 2.62
C TYR A 29 -22.19 -1.38 3.38
N LYS A 30 -22.34 -2.56 2.79
CA LYS A 30 -23.15 -3.60 3.40
C LYS A 30 -22.52 -4.42 4.51
N CYS A 31 -21.28 -4.11 4.85
CA CYS A 31 -20.61 -4.80 5.94
C CYS A 31 -20.41 -3.81 7.07
N GLY A 32 -21.22 -2.76 7.05
CA GLY A 32 -21.19 -1.73 8.06
C GLY A 32 -19.92 -0.91 8.16
N GLY A 33 -19.17 -0.83 7.05
CA GLY A 33 -17.93 -0.09 7.06
C GLY A 33 -18.05 1.41 6.76
N ILE A 34 -19.23 1.86 6.36
CA ILE A 34 -19.41 3.28 6.04
C ILE A 34 -20.03 4.05 7.20
N ASP A 35 -19.67 5.32 7.32
CA ASP A 35 -20.16 6.19 8.37
C ASP A 35 -21.69 6.27 8.41
N LYS A 36 -22.26 5.97 9.58
CA LYS A 36 -23.71 6.00 9.79
C LYS A 36 -24.39 7.25 9.26
N ARG A 37 -23.89 8.42 9.66
CA ARG A 37 -24.46 9.68 9.21
C ARG A 37 -24.42 9.82 7.70
N THR A 38 -23.28 9.47 7.10
CA THR A 38 -23.11 9.55 5.65
C THR A 38 -24.19 8.73 4.96
N ILE A 39 -24.30 7.47 5.37
CA ILE A 39 -25.29 6.57 4.77
C ILE A 39 -26.71 7.11 4.89
N GLU A 40 -27.06 7.63 6.07
CA GLU A 40 -28.40 8.16 6.28
C GLU A 40 -28.78 9.25 5.29
N LYS A 41 -27.93 10.26 5.16
CA LYS A 41 -28.25 11.36 4.25
C LYS A 41 -28.33 10.94 2.80
N PHE A 42 -27.47 10.00 2.39
CA PHE A 42 -27.48 9.54 1.01
C PHE A 42 -28.61 8.55 0.73
N GLU A 43 -29.01 7.78 1.74
CA GLU A 43 -30.12 6.85 1.56
C GLU A 43 -31.43 7.64 1.52
N LYS A 44 -31.52 8.66 2.37
CA LYS A 44 -32.72 9.50 2.41
C LYS A 44 -32.95 10.13 1.04
N GLU A 45 -31.87 10.64 0.46
CA GLU A 45 -31.94 11.25 -0.86
C GLU A 45 -32.31 10.21 -1.92
N ALA A 46 -31.69 9.05 -1.83
CA ALA A 46 -31.95 7.96 -2.77
C ALA A 46 -33.41 7.57 -2.77
N ALA A 47 -34.05 7.63 -1.61
CA ALA A 47 -35.46 7.27 -1.49
C ALA A 47 -36.36 8.34 -2.11
N GLU A 48 -36.11 9.59 -1.74
CA GLU A 48 -36.88 10.74 -2.23
C GLU A 48 -37.08 10.79 -3.75
N LEU A 49 -36.11 10.26 -4.50
CA LEU A 49 -36.16 10.28 -5.96
C LEU A 49 -37.36 9.56 -6.55
N GLY A 50 -37.80 8.49 -5.90
CA GLY A 50 -38.93 7.73 -6.40
C GLY A 50 -39.97 7.50 -5.33
N LYS A 51 -40.67 6.38 -5.40
CA LYS A 51 -41.70 6.07 -4.42
C LYS A 51 -41.12 5.62 -3.09
N GLY A 52 -39.80 5.40 -3.06
CA GLY A 52 -39.17 4.99 -1.82
C GLY A 52 -38.08 3.95 -2.00
N SER A 53 -38.29 2.99 -2.89
CA SER A 53 -37.30 1.94 -3.15
C SER A 53 -36.02 2.52 -3.75
N PHE A 54 -34.88 1.98 -3.34
CA PHE A 54 -33.61 2.45 -3.88
C PHE A 54 -32.56 1.35 -3.90
N LYS A 55 -31.64 1.46 -4.85
CA LYS A 55 -30.56 0.49 -5.01
C LYS A 55 -29.35 0.99 -4.25
N TYR A 56 -28.60 0.07 -3.65
CA TYR A 56 -27.41 0.45 -2.91
C TYR A 56 -26.40 1.14 -3.81
N ALA A 57 -26.39 0.76 -5.08
CA ALA A 57 -25.45 1.34 -6.04
C ALA A 57 -25.66 2.84 -6.22
N TRP A 58 -26.90 3.29 -6.09
CA TRP A 58 -27.20 4.71 -6.25
C TRP A 58 -26.60 5.50 -5.10
N VAL A 59 -26.65 4.93 -3.89
CA VAL A 59 -26.10 5.59 -2.72
C VAL A 59 -24.59 5.73 -2.89
N LEU A 60 -23.96 4.69 -3.44
CA LEU A 60 -22.51 4.71 -3.64
C LEU A 60 -22.13 5.74 -4.69
N ASP A 61 -22.97 5.91 -5.70
CA ASP A 61 -22.68 6.88 -6.76
C ASP A 61 -22.67 8.29 -6.14
N LYS A 62 -23.57 8.54 -5.21
CA LYS A 62 -23.65 9.85 -4.55
C LYS A 62 -22.44 10.09 -3.66
N LEU A 63 -21.97 9.02 -3.03
CA LEU A 63 -20.80 9.12 -2.15
C LEU A 63 -19.56 9.37 -3.02
N LYS A 64 -19.49 8.69 -4.16
CA LYS A 64 -18.37 8.86 -5.09
C LYS A 64 -18.27 10.31 -5.55
N ALA A 65 -19.42 10.93 -5.80
CA ALA A 65 -19.47 12.32 -6.24
C ALA A 65 -18.98 13.25 -5.12
N GLU A 66 -19.34 12.94 -3.88
CA GLU A 66 -18.91 13.75 -2.75
C GLU A 66 -17.40 13.60 -2.55
N ARG A 67 -16.91 12.39 -2.72
CA ARG A 67 -15.49 12.12 -2.58
C ARG A 67 -14.72 12.82 -3.69
N GLU A 68 -15.29 12.80 -4.89
CA GLU A 68 -14.66 13.43 -6.04
C GLU A 68 -14.53 14.95 -5.87
N ARG A 69 -15.50 15.55 -5.18
CA ARG A 69 -15.46 17.00 -4.96
C ARG A 69 -14.53 17.34 -3.79
N GLY A 70 -13.92 16.32 -3.19
CA GLY A 70 -13.02 16.54 -2.08
C GLY A 70 -13.71 17.01 -0.82
N ILE A 71 -14.92 16.49 -0.57
CA ILE A 71 -15.68 16.88 0.62
C ILE A 71 -15.63 15.84 1.73
N THR A 72 -15.72 14.57 1.36
CA THR A 72 -15.68 13.47 2.33
C THR A 72 -14.50 13.64 3.28
N ILE A 73 -14.78 13.62 4.58
CA ILE A 73 -13.74 13.80 5.59
C ILE A 73 -12.96 12.53 5.92
N ASP A 74 -11.74 12.71 6.45
CA ASP A 74 -10.83 11.66 6.90
C ASP A 74 -10.08 10.93 5.78
N ILE A 75 -9.11 10.11 6.18
CA ILE A 75 -8.21 9.35 5.31
C ILE A 75 -8.91 8.48 4.25
N ALA A 76 -8.25 8.37 3.10
CA ALA A 76 -8.77 7.60 1.98
C ALA A 76 -8.46 6.11 2.15
N LEU A 77 -9.16 5.47 3.08
CA LEU A 77 -9.00 4.05 3.35
C LEU A 77 -10.34 3.45 3.76
N TRP A 78 -10.71 2.34 3.13
CA TRP A 78 -11.95 1.67 3.47
C TRP A 78 -11.65 0.62 4.54
N LYS A 79 -12.60 0.39 5.42
CA LYS A 79 -12.46 -0.61 6.48
C LYS A 79 -13.82 -1.23 6.76
N PHE A 80 -13.82 -2.51 7.09
CA PHE A 80 -15.05 -3.21 7.43
C PHE A 80 -14.71 -4.47 8.21
N GLU A 81 -15.71 -5.01 8.91
CA GLU A 81 -15.51 -6.21 9.70
C GLU A 81 -16.29 -7.41 9.18
N THR A 82 -15.61 -8.54 9.08
CA THR A 82 -16.24 -9.78 8.64
C THR A 82 -16.46 -10.55 9.94
N PRO A 83 -17.08 -11.74 9.87
CA PRO A 83 -17.30 -12.49 11.12
C PRO A 83 -16.01 -12.73 11.90
N LYS A 84 -14.91 -12.95 11.18
CA LYS A 84 -13.62 -13.24 11.81
C LYS A 84 -12.57 -12.12 11.78
N TYR A 85 -12.67 -11.20 10.83
CA TYR A 85 -11.66 -10.16 10.70
C TYR A 85 -12.10 -8.70 10.68
N GLN A 86 -11.11 -7.84 10.95
CA GLN A 86 -11.26 -6.39 10.87
C GLN A 86 -10.44 -6.18 9.60
N VAL A 87 -11.09 -5.76 8.52
CA VAL A 87 -10.38 -5.61 7.25
C VAL A 87 -10.14 -4.19 6.77
N THR A 88 -8.91 -3.91 6.37
CA THR A 88 -8.59 -2.60 5.81
C THR A 88 -8.40 -2.90 4.33
N VAL A 89 -9.13 -2.19 3.48
CA VAL A 89 -9.02 -2.44 2.06
C VAL A 89 -8.49 -1.26 1.26
N ILE A 90 -7.60 -1.57 0.33
CA ILE A 90 -7.02 -0.57 -0.55
C ILE A 90 -7.52 -0.86 -1.95
N ASP A 91 -8.39 0.02 -2.46
CA ASP A 91 -8.91 -0.13 -3.81
C ASP A 91 -7.85 0.58 -4.66
N ALA A 92 -6.92 -0.22 -5.19
CA ALA A 92 -5.78 0.28 -5.97
C ALA A 92 -6.10 1.32 -7.04
N PRO A 93 -5.50 2.51 -6.93
CA PRO A 93 -5.68 3.63 -7.87
C PRO A 93 -4.90 3.33 -9.14
N GLY A 94 -5.23 4.03 -10.23
CA GLY A 94 -4.50 3.82 -11.48
C GLY A 94 -3.31 4.75 -11.61
N HIS A 95 -3.18 5.67 -10.66
CA HIS A 95 -2.09 6.63 -10.67
C HIS A 95 -0.72 5.96 -10.71
N ARG A 96 0.14 6.42 -11.60
CA ARG A 96 1.47 5.85 -11.73
C ARG A 96 2.34 5.97 -10.48
N ASP A 97 2.07 6.95 -9.64
CA ASP A 97 2.86 7.12 -8.41
C ASP A 97 2.42 6.16 -7.31
N PHE A 98 1.33 5.42 -7.56
CA PHE A 98 0.86 4.46 -6.57
C PHE A 98 1.84 3.28 -6.49
N ILE A 99 2.51 2.99 -7.60
CA ILE A 99 3.45 1.86 -7.63
C ILE A 99 4.47 1.93 -6.50
N LYS A 100 5.12 3.09 -6.35
CA LYS A 100 6.12 3.27 -5.30
C LYS A 100 5.47 3.11 -3.92
N ASN A 101 4.26 3.64 -3.78
CA ASN A 101 3.51 3.58 -2.53
C ASN A 101 3.16 2.13 -2.17
N MET A 102 2.81 1.34 -3.18
CA MET A 102 2.47 -0.06 -2.95
C MET A 102 3.69 -0.81 -2.44
N ILE A 103 4.85 -0.47 -2.98
CA ILE A 103 6.10 -1.11 -2.61
C ILE A 103 6.64 -0.70 -1.23
N THR A 104 6.73 0.61 -0.99
CA THR A 104 7.26 1.11 0.28
C THR A 104 6.20 1.49 1.29
N GLY A 105 4.94 1.51 0.85
CA GLY A 105 3.85 1.87 1.73
C GLY A 105 3.80 1.03 2.99
N THR A 106 3.03 1.52 3.96
CA THR A 106 2.89 0.86 5.25
C THR A 106 1.90 -0.31 5.28
N SER A 107 0.82 -0.19 4.52
CA SER A 107 -0.21 -1.22 4.49
C SER A 107 -0.04 -2.32 3.46
N GLN A 108 0.86 -3.27 3.75
CA GLN A 108 1.08 -4.39 2.83
C GLN A 108 -0.10 -5.35 2.93
N ALA A 109 -0.59 -5.80 1.79
CA ALA A 109 -1.74 -6.69 1.74
C ALA A 109 -1.46 -8.13 2.17
N ASP A 110 -2.44 -8.73 2.83
CA ASP A 110 -2.34 -10.12 3.27
C ASP A 110 -2.98 -10.98 2.18
N CYS A 111 -3.81 -10.35 1.36
CA CYS A 111 -4.48 -11.03 0.25
C CYS A 111 -4.86 -9.99 -0.81
N ALA A 112 -4.80 -10.41 -2.07
CA ALA A 112 -5.17 -9.53 -3.17
C ALA A 112 -6.47 -10.08 -3.75
N ILE A 113 -7.32 -9.18 -4.21
CA ILE A 113 -8.58 -9.61 -4.83
C ILE A 113 -8.54 -9.05 -6.24
N LEU A 114 -8.52 -9.95 -7.23
CA LEU A 114 -8.49 -9.55 -8.62
C LEU A 114 -9.92 -9.59 -9.15
N ILE A 115 -10.44 -8.42 -9.53
CA ILE A 115 -11.79 -8.32 -10.06
C ILE A 115 -11.69 -8.29 -11.58
N ILE A 116 -12.45 -9.17 -12.23
CA ILE A 116 -12.43 -9.28 -13.68
C ILE A 116 -13.83 -9.17 -14.28
N ALA A 117 -13.96 -8.38 -15.35
CA ALA A 117 -15.23 -8.20 -16.03
C ALA A 117 -15.50 -9.44 -16.91
N GLY A 118 -16.71 -9.97 -16.84
CA GLY A 118 -17.06 -11.15 -17.63
C GLY A 118 -17.35 -10.92 -19.11
N GLY A 119 -17.73 -9.69 -19.47
CA GLY A 119 -18.02 -9.38 -20.86
C GLY A 119 -16.87 -9.73 -21.79
N VAL A 120 -17.20 -10.15 -23.01
CA VAL A 120 -16.18 -10.54 -23.98
C VAL A 120 -15.11 -9.48 -24.22
N GLY A 121 -15.52 -8.28 -24.61
CA GLY A 121 -14.57 -7.22 -24.87
C GLY A 121 -13.80 -6.77 -23.64
N GLU A 122 -14.53 -6.51 -22.56
CA GLU A 122 -13.91 -6.03 -21.33
C GLU A 122 -12.95 -7.03 -20.68
N PHE A 123 -13.25 -8.32 -20.78
CA PHE A 123 -12.37 -9.33 -20.20
C PHE A 123 -10.99 -9.36 -20.87
N GLU A 124 -10.99 -9.36 -22.20
CA GLU A 124 -9.72 -9.40 -22.93
C GLU A 124 -8.90 -8.16 -22.64
N ALA A 125 -9.55 -7.01 -22.67
CA ALA A 125 -8.88 -5.73 -22.43
C ALA A 125 -8.18 -5.68 -21.09
N GLY A 126 -8.70 -6.44 -20.12
CA GLY A 126 -8.13 -6.45 -18.78
C GLY A 126 -6.97 -7.37 -18.51
N ILE A 127 -6.79 -8.41 -19.33
CA ILE A 127 -5.69 -9.35 -19.11
C ILE A 127 -4.52 -9.12 -20.06
N SER A 128 -4.46 -7.93 -20.64
CA SER A 128 -3.38 -7.57 -21.55
C SER A 128 -2.05 -7.68 -20.82
N LYS A 129 -1.03 -8.16 -21.53
CA LYS A 129 0.29 -8.29 -20.94
C LYS A 129 0.84 -6.96 -20.41
N ASP A 130 0.58 -5.88 -21.15
CA ASP A 130 1.08 -4.57 -20.76
C ASP A 130 0.09 -3.75 -19.92
N GLY A 131 -0.99 -4.39 -19.47
CA GLY A 131 -1.98 -3.69 -18.68
C GLY A 131 -1.55 -3.40 -17.25
N GLN A 132 -2.12 -2.35 -16.67
CA GLN A 132 -1.80 -1.94 -15.30
C GLN A 132 -2.21 -3.04 -14.32
N THR A 133 -3.24 -3.80 -14.66
CA THR A 133 -3.71 -4.88 -13.79
C THR A 133 -2.65 -5.96 -13.64
N ARG A 134 -2.06 -6.39 -14.74
CA ARG A 134 -1.03 -7.41 -14.65
C ARG A 134 0.13 -6.86 -13.84
N GLU A 135 0.45 -5.57 -14.02
CA GLU A 135 1.55 -4.99 -13.27
C GLU A 135 1.28 -5.04 -11.78
N HIS A 136 0.05 -4.72 -11.37
CA HIS A 136 -0.30 -4.76 -9.95
C HIS A 136 -0.24 -6.18 -9.40
N ALA A 137 -0.68 -7.15 -10.19
CA ALA A 137 -0.66 -8.55 -9.76
C ALA A 137 0.78 -9.02 -9.62
N LEU A 138 1.61 -8.64 -10.57
CA LEU A 138 3.03 -9.01 -10.57
C LEU A 138 3.71 -8.39 -9.34
N LEU A 139 3.39 -7.14 -9.05
CA LEU A 139 3.96 -6.47 -7.90
C LEU A 139 3.55 -7.16 -6.60
N ALA A 140 2.26 -7.49 -6.50
CA ALA A 140 1.75 -8.16 -5.32
C ALA A 140 2.48 -9.48 -5.12
N PHE A 141 2.57 -10.27 -6.19
CA PHE A 141 3.25 -11.57 -6.13
C PHE A 141 4.71 -11.39 -5.69
N THR A 142 5.39 -10.43 -6.33
CA THR A 142 6.78 -10.15 -6.03
C THR A 142 7.02 -9.75 -4.57
N LEU A 143 6.11 -8.95 -4.02
CA LEU A 143 6.22 -8.48 -2.64
C LEU A 143 5.73 -9.51 -1.62
N GLY A 144 5.44 -10.72 -2.09
CA GLY A 144 5.01 -11.77 -1.19
C GLY A 144 3.55 -11.87 -0.81
N VAL A 145 2.66 -11.27 -1.59
CA VAL A 145 1.23 -11.40 -1.28
C VAL A 145 0.88 -12.73 -1.95
N ARG A 146 0.84 -13.80 -1.17
CA ARG A 146 0.56 -15.11 -1.73
C ARG A 146 -0.89 -15.56 -1.78
N GLN A 147 -1.77 -14.90 -1.02
CA GLN A 147 -3.17 -15.26 -1.05
C GLN A 147 -3.87 -14.40 -2.09
N LEU A 148 -4.71 -15.03 -2.90
CA LEU A 148 -5.41 -14.33 -3.95
C LEU A 148 -6.84 -14.86 -4.08
N ILE A 149 -7.74 -13.94 -4.40
CA ILE A 149 -9.16 -14.28 -4.62
C ILE A 149 -9.51 -13.65 -5.95
N VAL A 150 -10.22 -14.39 -6.81
CA VAL A 150 -10.64 -13.84 -8.10
C VAL A 150 -12.16 -13.73 -8.09
N ALA A 151 -12.68 -12.55 -8.43
CA ALA A 151 -14.12 -12.37 -8.50
C ALA A 151 -14.43 -12.05 -9.96
N VAL A 152 -15.28 -12.85 -10.58
CA VAL A 152 -15.66 -12.62 -11.98
C VAL A 152 -16.94 -11.79 -11.95
N ASN A 153 -16.77 -10.48 -12.16
CA ASN A 153 -17.84 -9.50 -12.09
C ASN A 153 -18.68 -9.32 -13.36
N LYS A 154 -19.81 -8.63 -13.21
CA LYS A 154 -20.72 -8.36 -14.31
C LYS A 154 -21.25 -9.64 -14.93
N MET A 155 -21.49 -10.66 -14.10
CA MET A 155 -22.00 -11.92 -14.61
C MET A 155 -23.38 -11.71 -15.26
N ASP A 156 -24.09 -10.66 -14.86
CA ASP A 156 -25.40 -10.42 -15.46
C ASP A 156 -25.25 -10.05 -16.94
N SER A 157 -24.16 -9.40 -17.30
CA SER A 157 -23.94 -9.01 -18.69
C SER A 157 -23.81 -10.23 -19.61
N VAL A 158 -23.47 -11.38 -19.03
CA VAL A 158 -23.34 -12.60 -19.82
C VAL A 158 -24.42 -13.63 -19.45
N LYS A 159 -25.50 -13.13 -18.87
CA LYS A 159 -26.64 -13.96 -18.47
C LYS A 159 -26.29 -15.18 -17.61
N TRP A 160 -25.32 -14.98 -16.72
CA TRP A 160 -24.86 -16.04 -15.82
C TRP A 160 -24.66 -17.37 -16.53
N ASP A 161 -24.09 -17.31 -17.72
CA ASP A 161 -23.84 -18.52 -18.52
C ASP A 161 -22.67 -19.30 -17.96
N GLU A 162 -22.89 -20.58 -17.67
CA GLU A 162 -21.85 -21.43 -17.09
C GLU A 162 -20.61 -21.59 -17.97
N SER A 163 -20.81 -21.83 -19.26
CA SER A 163 -19.67 -22.00 -20.18
C SER A 163 -18.79 -20.76 -20.17
N ARG A 164 -19.40 -19.58 -20.30
CA ARG A 164 -18.64 -18.34 -20.29
C ARG A 164 -17.84 -18.21 -19.00
N PHE A 165 -18.45 -18.53 -17.87
CA PHE A 165 -17.75 -18.45 -16.59
C PHE A 165 -16.59 -19.42 -16.59
N GLN A 166 -16.82 -20.63 -17.09
CA GLN A 166 -15.77 -21.65 -17.13
C GLN A 166 -14.61 -21.23 -18.03
N GLU A 167 -14.91 -20.61 -19.17
CA GLU A 167 -13.88 -20.15 -20.08
C GLU A 167 -13.09 -19.00 -19.45
N ILE A 168 -13.79 -18.12 -18.73
CA ILE A 168 -13.13 -17.00 -18.06
C ILE A 168 -12.19 -17.55 -16.99
N VAL A 169 -12.65 -18.53 -16.24
CA VAL A 169 -11.84 -19.14 -15.18
C VAL A 169 -10.60 -19.77 -15.81
N LYS A 170 -10.77 -20.44 -16.94
CA LYS A 170 -9.62 -21.08 -17.60
C LYS A 170 -8.61 -20.05 -18.09
N GLU A 171 -9.08 -18.99 -18.74
CA GLU A 171 -8.17 -17.97 -19.25
C GLU A 171 -7.53 -17.17 -18.11
N THR A 172 -8.30 -16.91 -17.06
CA THR A 172 -7.77 -16.15 -15.93
C THR A 172 -6.76 -17.00 -15.16
N SER A 173 -6.98 -18.31 -15.14
CA SER A 173 -6.07 -19.21 -14.46
C SER A 173 -4.72 -19.17 -15.16
N ASN A 174 -4.75 -19.07 -16.49
CA ASN A 174 -3.52 -19.00 -17.27
C ASN A 174 -2.84 -17.67 -16.97
N PHE A 175 -3.66 -16.61 -16.93
CA PHE A 175 -3.19 -15.26 -16.65
C PHE A 175 -2.44 -15.16 -15.32
N ILE A 176 -3.03 -15.68 -14.25
CA ILE A 176 -2.38 -15.60 -12.95
C ILE A 176 -1.27 -16.63 -12.78
N LYS A 177 -1.35 -17.73 -13.52
CA LYS A 177 -0.32 -18.75 -13.44
C LYS A 177 0.97 -18.16 -13.99
N LYS A 178 0.87 -17.41 -15.08
CA LYS A 178 2.04 -16.78 -15.68
C LYS A 178 2.66 -15.74 -14.74
N VAL A 179 1.83 -15.14 -13.88
CA VAL A 179 2.34 -14.17 -12.91
C VAL A 179 3.07 -14.97 -11.84
N GLY A 180 2.51 -16.11 -11.46
CA GLY A 180 3.15 -16.94 -10.45
C GLY A 180 2.23 -17.64 -9.46
N TYR A 181 0.96 -17.28 -9.44
CA TYR A 181 0.01 -17.88 -8.51
C TYR A 181 -0.42 -19.28 -8.97
N ASN A 182 -0.73 -20.15 -8.01
CA ASN A 182 -1.21 -21.49 -8.33
C ASN A 182 -2.74 -21.39 -8.29
N PRO A 183 -3.38 -21.47 -9.47
CA PRO A 183 -4.84 -21.38 -9.59
C PRO A 183 -5.65 -22.26 -8.64
N LYS A 184 -5.09 -23.42 -8.26
CA LYS A 184 -5.79 -24.33 -7.36
C LYS A 184 -5.99 -23.79 -5.95
N THR A 185 -5.18 -22.81 -5.55
CA THR A 185 -5.29 -22.22 -4.22
C THR A 185 -6.09 -20.93 -4.27
N VAL A 186 -6.71 -20.66 -5.42
CA VAL A 186 -7.46 -19.43 -5.61
C VAL A 186 -8.95 -19.63 -5.87
N PRO A 187 -9.80 -19.05 -5.01
CA PRO A 187 -11.25 -19.19 -5.22
C PRO A 187 -11.66 -18.30 -6.38
N PHE A 188 -12.55 -18.80 -7.23
CA PHE A 188 -13.07 -18.01 -8.34
C PHE A 188 -14.54 -17.84 -8.04
N VAL A 189 -14.92 -16.60 -7.72
CA VAL A 189 -16.28 -16.27 -7.35
C VAL A 189 -17.06 -15.45 -8.37
N PRO A 190 -18.12 -16.02 -8.96
CA PRO A 190 -18.89 -15.25 -9.94
C PRO A 190 -19.78 -14.30 -9.15
N ILE A 191 -19.78 -13.02 -9.50
CA ILE A 191 -20.61 -12.07 -8.77
C ILE A 191 -21.12 -10.95 -9.66
N SER A 192 -21.91 -10.08 -9.04
CA SER A 192 -22.42 -8.87 -9.67
C SER A 192 -22.30 -7.86 -8.53
N GLY A 193 -21.26 -7.05 -8.56
CA GLY A 193 -21.06 -6.08 -7.50
C GLY A 193 -22.25 -5.18 -7.36
N TRP A 194 -22.72 -4.68 -8.49
CA TRP A 194 -23.88 -3.80 -8.57
C TRP A 194 -25.13 -4.39 -7.92
N ASN A 195 -25.52 -5.58 -8.36
CA ASN A 195 -26.73 -6.24 -7.84
C ASN A 195 -26.59 -6.97 -6.50
N GLY A 196 -25.36 -7.17 -6.05
CA GLY A 196 -25.15 -7.87 -4.80
C GLY A 196 -25.07 -9.39 -4.92
N ASP A 197 -25.12 -9.90 -6.14
CA ASP A 197 -25.05 -11.35 -6.35
C ASP A 197 -23.76 -11.95 -5.82
N ASN A 198 -23.88 -12.91 -4.91
CA ASN A 198 -22.73 -13.57 -4.31
C ASN A 198 -21.76 -12.68 -3.56
N MET A 199 -22.22 -11.50 -3.15
CA MET A 199 -21.39 -10.59 -2.39
C MET A 199 -21.47 -10.97 -0.92
N ILE A 200 -22.63 -10.72 -0.33
CA ILE A 200 -22.87 -11.05 1.06
C ILE A 200 -23.84 -12.25 1.12
N GLU A 201 -24.76 -12.29 0.16
CA GLU A 201 -25.75 -13.36 0.07
C GLU A 201 -25.57 -14.16 -1.22
N ALA A 202 -25.83 -15.46 -1.16
CA ALA A 202 -25.70 -16.33 -2.32
C ALA A 202 -26.67 -15.95 -3.43
N THR A 203 -26.23 -16.05 -4.68
CA THR A 203 -27.06 -15.71 -5.83
C THR A 203 -28.17 -16.71 -6.08
N THR A 204 -29.23 -16.25 -6.75
CA THR A 204 -30.37 -17.10 -7.10
C THR A 204 -30.50 -17.09 -8.62
N ASN A 205 -29.49 -16.54 -9.29
CA ASN A 205 -29.50 -16.44 -10.74
C ASN A 205 -28.63 -17.46 -11.46
N ALA A 206 -28.08 -18.42 -10.72
CA ALA A 206 -27.22 -19.42 -11.34
C ALA A 206 -27.33 -20.78 -10.67
N PRO A 207 -28.34 -21.58 -11.05
CA PRO A 207 -28.59 -22.91 -10.51
C PRO A 207 -27.40 -23.85 -10.58
N TRP A 208 -26.56 -23.65 -11.61
CA TRP A 208 -25.38 -24.49 -11.81
C TRP A 208 -24.23 -24.21 -10.84
N TYR A 209 -24.26 -23.04 -10.20
CA TYR A 209 -23.20 -22.65 -9.27
C TYR A 209 -23.29 -23.36 -7.94
N LYS A 210 -22.27 -24.15 -7.62
CA LYS A 210 -22.25 -24.88 -6.36
C LYS A 210 -21.32 -24.23 -5.35
N GLY A 211 -20.59 -23.20 -5.79
CA GLY A 211 -19.70 -22.50 -4.89
C GLY A 211 -18.26 -22.51 -5.37
N TRP A 212 -17.38 -21.82 -4.65
CA TRP A 212 -15.97 -21.78 -5.01
C TRP A 212 -15.22 -22.75 -4.11
N GLU A 213 -13.96 -23.00 -4.43
CA GLU A 213 -13.14 -23.88 -3.62
C GLU A 213 -11.68 -23.50 -3.81
N LYS A 214 -10.85 -23.92 -2.86
CA LYS A 214 -9.44 -23.65 -2.88
C LYS A 214 -8.73 -24.69 -2.06
N GLU A 215 -7.55 -25.11 -2.52
CA GLU A 215 -6.78 -26.08 -1.78
C GLU A 215 -5.89 -25.30 -0.82
N THR A 216 -5.73 -25.83 0.38
CA THR A 216 -4.86 -25.23 1.39
C THR A 216 -3.95 -26.40 1.78
N LYS A 217 -2.98 -26.16 2.66
CA LYS A 217 -2.09 -27.25 3.04
C LYS A 217 -2.78 -28.32 3.88
N ALA A 218 -3.87 -27.96 4.55
CA ALA A 218 -4.60 -28.91 5.39
C ALA A 218 -5.80 -29.59 4.72
N GLY A 219 -6.28 -29.03 3.62
CA GLY A 219 -7.43 -29.61 2.95
C GLY A 219 -8.04 -28.71 1.90
N VAL A 220 -9.35 -28.84 1.69
CA VAL A 220 -10.05 -28.02 0.71
C VAL A 220 -11.09 -27.17 1.41
N VAL A 221 -11.09 -25.87 1.11
CA VAL A 221 -12.04 -24.94 1.71
C VAL A 221 -13.05 -24.51 0.66
N LYS A 222 -14.32 -24.51 1.02
CA LYS A 222 -15.37 -24.14 0.08
C LYS A 222 -16.30 -23.08 0.65
N GLY A 223 -16.99 -22.38 -0.25
CA GLY A 223 -17.92 -21.34 0.15
C GLY A 223 -18.68 -20.89 -1.08
N LYS A 224 -19.59 -19.93 -0.92
CA LYS A 224 -20.38 -19.45 -2.05
C LYS A 224 -20.13 -17.98 -2.39
N THR A 225 -20.12 -17.13 -1.37
CA THR A 225 -19.97 -15.69 -1.56
C THR A 225 -18.56 -15.12 -1.49
N LEU A 226 -18.43 -13.87 -1.92
CA LEU A 226 -17.14 -13.18 -1.89
C LEU A 226 -16.79 -12.89 -0.43
N LEU A 227 -17.80 -12.57 0.38
CA LEU A 227 -17.58 -12.30 1.80
C LEU A 227 -16.99 -13.55 2.47
N GLU A 228 -17.50 -14.72 2.10
CA GLU A 228 -17.00 -15.96 2.68
C GLU A 228 -15.56 -16.21 2.23
N ALA A 229 -15.26 -15.84 0.98
CA ALA A 229 -13.91 -16.04 0.46
C ALA A 229 -12.93 -15.15 1.21
N ILE A 230 -13.39 -13.97 1.62
CA ILE A 230 -12.56 -13.05 2.37
C ILE A 230 -12.36 -13.58 3.79
N ASP A 231 -13.42 -14.09 4.36
CA ASP A 231 -13.36 -14.63 5.72
C ASP A 231 -12.47 -15.87 5.74
N ALA A 232 -12.33 -16.52 4.59
CA ALA A 232 -11.51 -17.72 4.47
C ALA A 232 -10.03 -17.42 4.32
N ILE A 233 -9.67 -16.13 4.31
CA ILE A 233 -8.26 -15.77 4.19
C ILE A 233 -7.53 -16.39 5.38
N GLU A 234 -6.40 -17.02 5.12
CA GLU A 234 -5.64 -17.66 6.18
C GLU A 234 -4.92 -16.65 7.07
N GLN A 235 -5.10 -16.83 8.38
CA GLN A 235 -4.52 -15.98 9.41
C GLN A 235 -3.04 -15.68 9.20
N PRO A 236 -2.68 -14.40 8.97
CA PRO A 236 -1.29 -14.01 8.76
C PRO A 236 -0.60 -13.80 10.12
N SER A 237 0.71 -14.02 10.16
CA SER A 237 1.47 -13.83 11.40
C SER A 237 2.17 -12.48 11.41
N ARG A 238 2.25 -11.87 12.58
CA ARG A 238 2.91 -10.57 12.73
C ARG A 238 4.34 -10.73 13.31
N PRO A 239 5.18 -9.75 12.96
CA PRO A 239 6.57 -9.68 13.43
C PRO A 239 6.78 -9.08 14.82
N THR A 240 6.06 -9.59 15.81
CA THR A 240 6.19 -9.08 17.17
C THR A 240 7.32 -9.78 17.93
N ASP A 241 7.79 -10.90 17.39
CA ASP A 241 8.84 -11.67 18.04
C ASP A 241 10.24 -11.24 17.61
N LYS A 242 10.36 -10.64 16.43
CA LYS A 242 11.64 -10.19 15.91
C LYS A 242 12.17 -8.95 16.63
N PRO A 243 13.48 -8.65 16.47
CA PRO A 243 14.09 -7.48 17.10
C PRO A 243 13.43 -6.21 16.55
N LEU A 244 13.50 -5.13 17.32
CA LEU A 244 12.90 -3.86 16.91
C LEU A 244 13.54 -3.24 15.67
N ARG A 245 12.69 -2.65 14.83
CA ARG A 245 13.10 -1.95 13.62
C ARG A 245 12.06 -0.84 13.48
N LEU A 246 12.54 0.40 13.57
CA LEU A 246 11.65 1.55 13.50
C LEU A 246 12.28 2.65 12.64
N PRO A 247 11.96 2.68 11.33
CA PRO A 247 12.50 3.70 10.42
C PRO A 247 12.01 5.08 10.83
N LEU A 248 12.92 6.06 10.88
CA LEU A 248 12.51 7.40 11.27
C LEU A 248 11.92 8.21 10.12
N GLN A 249 10.81 8.87 10.40
CA GLN A 249 10.13 9.70 9.41
C GLN A 249 10.48 11.16 9.66
N ASP A 250 10.55 11.53 10.94
CA ASP A 250 10.87 12.89 11.32
C ASP A 250 11.56 12.90 12.67
N VAL A 251 12.13 14.05 13.02
CA VAL A 251 12.81 14.25 14.30
C VAL A 251 12.50 15.66 14.75
N TYR A 252 12.05 15.80 16.00
CA TYR A 252 11.70 17.11 16.51
C TYR A 252 12.48 17.46 17.77
N LYS A 253 12.62 18.76 18.00
CA LYS A 253 13.30 19.27 19.19
C LYS A 253 12.22 19.99 19.99
N ILE A 254 11.82 19.38 21.10
CA ILE A 254 10.78 19.95 21.95
C ILE A 254 11.41 20.48 23.24
N GLY A 255 11.29 21.79 23.44
CA GLY A 255 11.85 22.41 24.62
C GLY A 255 11.38 21.79 25.92
N GLY A 256 12.33 21.41 26.77
CA GLY A 256 11.98 20.80 28.04
C GLY A 256 11.84 19.29 27.97
N ILE A 257 11.82 18.75 26.76
CA ILE A 257 11.69 17.31 26.56
C ILE A 257 12.95 16.77 25.91
N GLY A 258 13.42 17.45 24.87
CA GLY A 258 14.62 17.01 24.19
C GLY A 258 14.30 16.57 22.77
N THR A 259 15.11 15.65 22.24
CA THR A 259 14.94 15.15 20.89
C THR A 259 13.80 14.14 20.82
N VAL A 260 12.93 14.29 19.83
CA VAL A 260 11.81 13.39 19.67
C VAL A 260 11.66 12.82 18.26
N PRO A 261 12.22 11.61 18.02
CA PRO A 261 12.11 11.01 16.70
C PRO A 261 10.71 10.42 16.55
N VAL A 262 10.22 10.31 15.33
CA VAL A 262 8.89 9.76 15.08
C VAL A 262 8.95 8.80 13.91
N GLY A 263 8.28 7.65 14.03
CA GLY A 263 8.29 6.68 12.94
C GLY A 263 7.37 5.50 13.21
N ARG A 264 7.32 4.56 12.27
CA ARG A 264 6.46 3.40 12.42
C ARG A 264 7.24 2.17 12.87
N VAL A 265 6.72 1.50 13.90
CA VAL A 265 7.36 0.27 14.39
C VAL A 265 7.04 -0.76 13.31
N GLU A 266 8.05 -1.21 12.58
CA GLU A 266 7.84 -2.21 11.52
C GLU A 266 7.90 -3.64 12.06
N THR A 267 8.86 -3.88 12.95
CA THR A 267 9.03 -5.19 13.57
C THR A 267 9.44 -4.98 15.02
N GLY A 268 9.14 -5.96 15.87
CA GLY A 268 9.51 -5.87 17.26
C GLY A 268 8.64 -4.97 18.10
N VAL A 269 9.14 -4.62 19.29
CA VAL A 269 8.40 -3.78 20.22
C VAL A 269 9.30 -2.71 20.83
N ILE A 270 8.74 -1.53 21.06
CA ILE A 270 9.50 -0.45 21.68
C ILE A 270 8.80 -0.11 22.99
N LYS A 271 9.59 0.05 24.05
CA LYS A 271 9.05 0.35 25.37
C LYS A 271 9.90 1.37 26.09
N PRO A 272 9.30 2.18 26.97
CA PRO A 272 10.10 3.16 27.69
C PRO A 272 11.11 2.42 28.57
N GLY A 273 12.32 2.95 28.68
CA GLY A 273 13.34 2.31 29.49
C GLY A 273 14.24 1.41 28.68
N MET A 274 13.82 1.12 27.46
CA MET A 274 14.58 0.27 26.55
C MET A 274 15.79 1.03 26.02
N VAL A 275 16.87 0.31 25.73
CA VAL A 275 18.08 0.92 25.19
C VAL A 275 18.09 0.67 23.68
N VAL A 276 18.18 1.73 22.89
CA VAL A 276 18.16 1.60 21.43
C VAL A 276 19.35 2.21 20.70
N THR A 277 19.53 1.80 19.45
CA THR A 277 20.61 2.30 18.61
C THR A 277 20.04 2.78 17.28
N PHE A 278 20.57 3.90 16.77
CA PHE A 278 20.10 4.44 15.49
C PHE A 278 21.18 4.22 14.43
N ALA A 279 20.85 3.52 13.36
CA ALA A 279 21.80 3.27 12.28
C ALA A 279 21.35 4.13 11.10
N PRO A 280 22.29 4.58 10.25
CA PRO A 280 23.72 4.34 10.36
C PRO A 280 24.41 5.40 11.22
N ALA A 281 23.60 6.18 11.94
CA ALA A 281 24.12 7.24 12.80
C ALA A 281 25.10 6.73 13.84
N GLY A 282 24.82 5.55 14.40
CA GLY A 282 25.69 4.96 15.40
C GLY A 282 25.43 5.48 16.80
N VAL A 283 24.26 6.07 17.00
CA VAL A 283 23.87 6.64 18.29
C VAL A 283 23.07 5.65 19.15
N THR A 284 23.43 5.55 20.43
CA THR A 284 22.74 4.65 21.36
C THR A 284 22.25 5.43 22.57
N THR A 285 20.98 5.24 22.94
CA THR A 285 20.39 5.93 24.09
C THR A 285 19.18 5.20 24.67
N GLU A 286 18.68 5.72 25.78
CA GLU A 286 17.54 5.13 26.46
C GLU A 286 16.24 5.79 26.01
N VAL A 287 15.18 5.00 25.86
CA VAL A 287 13.89 5.53 25.47
C VAL A 287 13.20 6.04 26.73
N LYS A 288 13.10 7.35 26.89
CA LYS A 288 12.47 7.95 28.06
C LYS A 288 10.99 7.63 28.15
N SER A 289 10.26 7.96 27.08
CA SER A 289 8.82 7.69 27.05
C SER A 289 8.38 7.47 25.60
N VAL A 290 7.22 6.85 25.44
CA VAL A 290 6.67 6.57 24.12
C VAL A 290 5.24 7.09 24.06
N GLU A 291 4.92 7.82 22.99
CA GLU A 291 3.58 8.37 22.83
C GLU A 291 2.99 8.13 21.44
N MET A 292 1.68 7.94 21.40
CA MET A 292 0.95 7.72 20.18
C MET A 292 -0.39 8.43 20.32
N HIS A 293 -0.64 9.41 19.47
CA HIS A 293 -1.85 10.13 19.61
C HIS A 293 -1.85 10.91 20.90
N HIS A 294 -2.96 10.83 21.65
CA HIS A 294 -3.12 11.48 22.95
C HIS A 294 -2.76 10.58 24.14
N GLU A 295 -2.08 9.45 23.91
CA GLU A 295 -1.75 8.58 25.01
C GLU A 295 -0.27 8.25 25.16
N GLN A 296 0.12 7.97 26.40
CA GLN A 296 1.48 7.61 26.78
C GLN A 296 1.55 6.09 26.80
N LEU A 297 1.94 5.49 25.68
CA LEU A 297 2.02 4.04 25.55
C LEU A 297 2.97 3.34 26.51
N GLU A 298 2.68 2.06 26.78
CA GLU A 298 3.51 1.25 27.63
C GLU A 298 4.42 0.44 26.71
N GLN A 299 4.01 0.36 25.44
CA GLN A 299 4.77 -0.35 24.42
C GLN A 299 4.24 -0.07 23.02
N GLY A 300 5.15 0.03 22.06
CA GLY A 300 4.76 0.26 20.68
C GLY A 300 4.93 -1.05 19.94
N VAL A 301 3.88 -1.49 19.25
CA VAL A 301 3.93 -2.75 18.53
C VAL A 301 3.89 -2.51 17.01
N PRO A 302 4.23 -3.54 16.22
CA PRO A 302 4.22 -3.42 14.76
C PRO A 302 2.93 -2.79 14.22
N GLY A 303 3.08 -1.66 13.52
CA GLY A 303 1.92 -0.99 12.97
C GLY A 303 1.68 0.36 13.65
N ASP A 304 2.17 0.51 14.87
CA ASP A 304 2.00 1.76 15.60
C ASP A 304 2.95 2.85 15.15
N ASN A 305 2.41 4.01 14.79
CA ASN A 305 3.26 5.12 14.39
C ASN A 305 3.47 5.89 15.69
N VAL A 306 4.69 5.87 16.20
CA VAL A 306 4.98 6.51 17.46
C VAL A 306 6.07 7.56 17.50
N GLY A 307 5.96 8.44 18.49
CA GLY A 307 6.96 9.46 18.73
C GLY A 307 7.55 9.04 20.05
N PHE A 308 8.87 9.17 20.22
CA PHE A 308 9.49 8.80 21.48
C PHE A 308 10.62 9.75 21.85
N ASN A 309 10.73 10.02 23.14
CA ASN A 309 11.75 10.92 23.67
C ASN A 309 13.00 10.17 24.10
N VAL A 310 14.16 10.63 23.63
CA VAL A 310 15.43 10.01 23.96
C VAL A 310 16.35 11.11 24.48
N LYS A 311 17.27 10.76 25.38
CA LYS A 311 18.17 11.76 25.92
C LYS A 311 19.61 11.69 25.45
N ASN A 312 20.33 12.79 25.67
CA ASN A 312 21.74 12.91 25.29
C ASN A 312 21.94 12.76 23.79
N VAL A 313 21.02 13.33 23.01
CA VAL A 313 21.09 13.29 21.55
C VAL A 313 20.53 14.57 20.98
N SER A 314 21.24 15.17 20.05
CA SER A 314 20.78 16.41 19.43
C SER A 314 19.96 16.05 18.18
N VAL A 315 18.90 16.81 17.94
CA VAL A 315 18.02 16.56 16.81
C VAL A 315 18.78 16.55 15.48
N LYS A 316 20.07 16.89 15.53
CA LYS A 316 20.88 16.91 14.32
C LYS A 316 21.72 15.64 14.17
N GLU A 317 21.79 14.85 15.24
CA GLU A 317 22.57 13.60 15.22
C GLU A 317 21.80 12.45 14.59
N ILE A 318 20.48 12.60 14.50
CA ILE A 318 19.63 11.57 13.91
C ILE A 318 18.66 12.24 12.96
N ARG A 319 18.29 11.55 11.89
CA ARG A 319 17.37 12.12 10.91
C ARG A 319 16.58 11.09 10.12
N ARG A 320 15.63 11.59 9.34
CA ARG A 320 14.77 10.75 8.50
C ARG A 320 15.60 9.77 7.70
N GLY A 321 15.14 8.52 7.64
CA GLY A 321 15.87 7.51 6.90
C GLY A 321 16.70 6.62 7.81
N ASN A 322 17.12 7.15 8.95
CA ASN A 322 17.88 6.36 9.90
C ASN A 322 16.92 5.29 10.44
N VAL A 323 17.48 4.22 10.98
CA VAL A 323 16.65 3.15 11.53
C VAL A 323 16.97 2.92 13.01
N CYS A 324 15.92 2.86 13.83
CA CYS A 324 16.07 2.64 15.26
C CYS A 324 15.79 1.18 15.58
N GLY A 325 16.62 0.59 16.45
CA GLY A 325 16.44 -0.80 16.83
C GLY A 325 17.00 -1.03 18.22
N ASP A 326 16.93 -2.27 18.71
CA ASP A 326 17.46 -2.56 20.04
C ASP A 326 18.98 -2.57 19.99
N ALA A 327 19.60 -1.97 20.99
CA ALA A 327 21.05 -1.88 21.06
C ALA A 327 21.77 -3.20 21.22
N LYS A 328 21.12 -4.17 21.86
CA LYS A 328 21.77 -5.46 22.08
C LYS A 328 21.19 -6.62 21.29
N ASN A 329 19.96 -6.48 20.84
CA ASN A 329 19.30 -7.54 20.07
C ASN A 329 19.41 -7.27 18.57
N ASP A 330 20.47 -7.81 17.94
CA ASP A 330 20.71 -7.62 16.52
C ASP A 330 20.45 -6.17 16.12
N PRO A 331 21.25 -5.24 16.66
CA PRO A 331 21.11 -3.81 16.37
C PRO A 331 21.32 -3.52 14.88
N PRO A 332 20.59 -2.55 14.34
CA PRO A 332 20.71 -2.20 12.92
C PRO A 332 22.08 -1.57 12.60
N LYS A 333 22.52 -1.73 11.36
CA LYS A 333 23.81 -1.18 10.93
C LYS A 333 23.72 -0.66 9.50
N GLY A 334 24.65 0.22 9.13
CA GLY A 334 24.68 0.70 7.77
C GLY A 334 25.31 -0.41 6.95
N CYS A 335 25.20 -0.34 5.63
CA CYS A 335 25.78 -1.40 4.80
C CYS A 335 26.84 -0.90 3.83
N ALA A 336 27.71 -1.80 3.39
CA ALA A 336 28.74 -1.45 2.42
C ALA A 336 28.08 -1.66 1.05
N SER A 337 27.21 -2.65 0.99
CA SER A 337 26.47 -2.99 -0.22
C SER A 337 25.38 -3.98 0.15
N PHE A 338 24.57 -4.35 -0.83
CA PHE A 338 23.50 -5.32 -0.62
C PHE A 338 23.10 -5.90 -1.97
N ASN A 339 22.74 -7.17 -1.97
CA ASN A 339 22.31 -7.83 -3.19
C ASN A 339 20.81 -7.98 -3.16
N ALA A 340 20.18 -7.72 -4.29
CA ALA A 340 18.74 -7.81 -4.37
C ALA A 340 18.25 -8.36 -5.70
N THR A 341 17.13 -9.06 -5.66
CA THR A 341 16.53 -9.56 -6.87
C THR A 341 15.72 -8.37 -7.36
N VAL A 342 16.00 -7.95 -8.59
CA VAL A 342 15.32 -6.80 -9.18
C VAL A 342 14.44 -7.23 -10.35
N ILE A 343 13.19 -6.78 -10.34
CA ILE A 343 12.28 -7.08 -11.43
C ILE A 343 12.10 -5.76 -12.18
N VAL A 344 12.54 -5.72 -13.43
CA VAL A 344 12.44 -4.51 -14.24
C VAL A 344 11.03 -4.36 -14.78
N LEU A 345 10.42 -3.22 -14.51
CA LEU A 345 9.06 -2.96 -14.97
C LEU A 345 9.09 -2.39 -16.37
N ASN A 346 7.92 -2.26 -16.99
CA ASN A 346 7.84 -1.71 -18.33
C ASN A 346 8.26 -0.25 -18.34
N HIS A 347 9.41 0.00 -18.97
CA HIS A 347 9.96 1.34 -19.10
C HIS A 347 10.90 1.30 -20.30
N PRO A 348 10.95 2.38 -21.10
CA PRO A 348 11.81 2.44 -22.29
C PRO A 348 13.30 2.47 -21.98
N GLY A 349 14.04 1.50 -22.51
CA GLY A 349 15.47 1.48 -22.29
C GLY A 349 16.09 0.19 -21.77
N GLN A 350 17.40 0.25 -21.51
CA GLN A 350 18.15 -0.88 -20.99
C GLN A 350 18.98 -0.42 -19.79
N ILE A 351 19.11 -1.29 -18.79
CA ILE A 351 19.88 -0.96 -17.60
C ILE A 351 21.23 -1.69 -17.64
N SER A 352 22.30 -0.93 -17.43
CA SER A 352 23.65 -1.50 -17.43
C SER A 352 24.33 -1.19 -16.10
N ALA A 353 25.43 -1.89 -15.82
CA ALA A 353 26.17 -1.63 -14.59
C ALA A 353 26.57 -0.16 -14.64
N GLY A 354 26.58 0.50 -13.48
CA GLY A 354 26.92 1.91 -13.43
C GLY A 354 25.68 2.78 -13.20
N TYR A 355 24.53 2.24 -13.59
CA TYR A 355 23.25 2.92 -13.44
C TYR A 355 23.11 3.31 -11.96
N SER A 356 22.80 4.58 -11.70
CA SER A 356 22.70 5.04 -10.32
C SER A 356 21.47 5.88 -10.02
N PRO A 357 20.27 5.28 -10.11
CA PRO A 357 19.01 5.97 -9.83
C PRO A 357 18.73 6.06 -8.34
N VAL A 358 17.70 6.82 -7.97
CA VAL A 358 17.33 6.96 -6.58
C VAL A 358 16.47 5.78 -6.18
N LEU A 359 16.76 5.23 -5.00
CA LEU A 359 15.98 4.11 -4.47
C LEU A 359 15.22 4.56 -3.23
N ASP A 360 13.98 4.08 -3.10
CA ASP A 360 13.17 4.37 -1.92
C ASP A 360 12.99 3.04 -1.19
N CYS A 361 13.51 2.99 0.01
CA CYS A 361 13.45 1.82 0.91
C CYS A 361 13.04 2.33 2.24
N HIS A 362 11.93 1.84 2.78
CA HIS A 362 11.34 2.34 4.03
C HIS A 362 11.38 3.86 3.95
N THR A 363 12.02 4.55 4.91
CA THR A 363 12.01 6.02 4.82
C THR A 363 13.29 6.59 4.21
N ALA A 364 14.14 5.73 3.67
CA ALA A 364 15.38 6.17 3.02
C ALA A 364 15.10 6.52 1.56
N HIS A 365 15.78 7.57 1.07
CA HIS A 365 15.63 8.06 -0.30
C HIS A 365 17.09 8.36 -0.71
N ILE A 366 17.75 7.35 -1.28
CA ILE A 366 19.17 7.47 -1.64
C ILE A 366 19.53 6.87 -3.01
N ALA A 367 20.36 7.57 -3.76
CA ALA A 367 20.77 7.06 -5.07
C ALA A 367 21.74 5.91 -4.81
N CYS A 368 21.49 4.77 -5.46
CA CYS A 368 22.34 3.60 -5.30
C CYS A 368 22.80 3.10 -6.66
N ARG A 369 24.07 2.75 -6.77
CA ARG A 369 24.60 2.27 -8.03
C ARG A 369 24.34 0.78 -8.26
N PHE A 370 23.93 0.42 -9.48
CA PHE A 370 23.73 -0.98 -9.84
C PHE A 370 25.20 -1.34 -10.09
N ASP A 371 25.90 -1.67 -9.01
CA ASP A 371 27.34 -1.96 -9.09
C ASP A 371 27.70 -3.13 -9.97
N GLU A 372 26.91 -4.19 -9.89
CA GLU A 372 27.18 -5.39 -10.67
C GLU A 372 25.89 -6.14 -10.98
N LEU A 373 25.73 -6.57 -12.22
CA LEU A 373 24.56 -7.35 -12.60
C LEU A 373 25.03 -8.79 -12.46
N LEU A 374 24.81 -9.37 -11.28
CA LEU A 374 25.26 -10.73 -10.98
C LEU A 374 24.65 -11.86 -11.83
N GLU A 375 23.33 -11.88 -11.98
CA GLU A 375 22.69 -12.92 -12.78
C GLU A 375 21.34 -12.49 -13.31
N LYS A 376 20.86 -13.21 -14.33
CA LYS A 376 19.53 -12.96 -14.83
C LYS A 376 18.88 -14.27 -14.43
N ASN A 377 17.65 -14.20 -13.91
CA ASN A 377 16.99 -15.41 -13.43
C ASN A 377 15.60 -15.63 -14.00
N ASP A 378 15.10 -16.85 -13.82
CA ASP A 378 13.73 -17.16 -14.21
C ASP A 378 13.00 -16.52 -13.03
N ARG A 379 12.10 -15.59 -13.31
CA ARG A 379 11.40 -14.88 -12.24
C ARG A 379 10.64 -15.72 -11.20
N ARG A 380 9.79 -16.64 -11.67
CA ARG A 380 9.00 -17.44 -10.76
C ARG A 380 9.79 -18.45 -9.89
N SER A 381 10.79 -19.09 -10.47
CA SER A 381 11.57 -20.08 -9.72
C SER A 381 12.84 -19.50 -9.11
N GLY A 382 13.32 -18.40 -9.69
CA GLY A 382 14.53 -17.77 -9.18
C GLY A 382 15.79 -18.43 -9.73
N LYS A 383 15.61 -19.50 -10.51
CA LYS A 383 16.73 -20.23 -11.09
C LYS A 383 17.61 -19.33 -11.95
N LYS A 384 18.92 -19.41 -11.75
CA LYS A 384 19.85 -18.60 -12.52
C LYS A 384 19.87 -19.06 -13.98
N LEU A 385 19.61 -18.14 -14.90
CA LEU A 385 19.61 -18.46 -16.33
C LEU A 385 20.88 -18.01 -17.03
N GLU A 386 21.53 -16.97 -16.49
CA GLU A 386 22.77 -16.49 -17.07
C GLU A 386 23.60 -15.72 -16.07
N ASP A 387 24.91 -15.83 -16.22
CA ASP A 387 25.88 -15.18 -15.37
C ASP A 387 26.27 -13.84 -15.97
N HIS A 388 26.25 -12.79 -15.15
CA HIS A 388 26.60 -11.45 -15.57
C HIS A 388 25.98 -10.95 -16.88
N PRO A 389 24.64 -10.80 -16.91
CA PRO A 389 24.01 -10.32 -18.13
C PRO A 389 24.60 -8.93 -18.44
N LYS A 390 24.71 -8.58 -19.71
CA LYS A 390 25.28 -7.29 -20.07
C LYS A 390 24.35 -6.12 -19.83
N PHE A 391 23.05 -6.41 -19.79
CA PHE A 391 22.06 -5.37 -19.53
C PHE A 391 20.74 -6.01 -19.17
N LEU A 392 19.87 -5.23 -18.54
CA LEU A 392 18.55 -5.70 -18.16
C LEU A 392 17.54 -4.88 -18.94
N LYS A 393 16.40 -5.49 -19.25
CA LYS A 393 15.34 -4.81 -19.99
C LYS A 393 14.01 -5.14 -19.33
N SER A 394 12.95 -4.45 -19.74
CA SER A 394 11.62 -4.68 -19.18
C SER A 394 11.26 -6.16 -19.09
N GLY A 395 10.75 -6.57 -17.93
CA GLY A 395 10.35 -7.95 -17.72
C GLY A 395 11.40 -8.84 -17.07
N ASP A 396 12.68 -8.50 -17.21
CA ASP A 396 13.76 -9.29 -16.62
C ASP A 396 13.75 -9.33 -15.10
N ALA A 397 14.21 -10.45 -14.55
CA ALA A 397 14.37 -10.64 -13.10
C ALA A 397 15.87 -10.88 -13.00
N ALA A 398 16.55 -10.20 -12.08
CA ALA A 398 17.99 -10.36 -11.96
C ALA A 398 18.51 -10.11 -10.56
N LEU A 399 19.67 -10.69 -10.26
CA LEU A 399 20.30 -10.47 -8.97
C LEU A 399 21.30 -9.35 -9.20
N VAL A 400 21.12 -8.25 -8.47
CA VAL A 400 22.00 -7.10 -8.63
C VAL A 400 22.69 -6.71 -7.34
N LYS A 401 23.96 -6.29 -7.45
CA LYS A 401 24.72 -5.84 -6.29
C LYS A 401 24.61 -4.33 -6.26
N PHE A 402 24.11 -3.78 -5.16
CA PHE A 402 23.93 -2.34 -4.98
C PHE A 402 24.91 -1.70 -4.01
N VAL A 403 25.39 -0.52 -4.36
CA VAL A 403 26.29 0.23 -3.48
C VAL A 403 25.66 1.60 -3.27
N PRO A 404 25.16 1.89 -2.06
CA PRO A 404 24.52 3.18 -1.76
C PRO A 404 25.52 4.34 -1.79
N SER A 405 25.07 5.48 -2.30
CA SER A 405 25.92 6.67 -2.40
C SER A 405 26.10 7.39 -1.06
N LYS A 406 25.23 7.08 -0.11
CA LYS A 406 25.28 7.68 1.22
C LYS A 406 25.05 6.56 2.24
N PRO A 407 25.43 6.77 3.51
CA PRO A 407 25.22 5.73 4.51
C PRO A 407 23.75 5.31 4.48
N MET A 408 23.50 4.01 4.45
CA MET A 408 22.12 3.52 4.36
C MET A 408 21.92 2.23 5.12
N CYS A 409 20.80 2.10 5.82
CA CYS A 409 20.48 0.90 6.57
C CYS A 409 19.34 0.12 5.91
N VAL A 410 19.63 -1.11 5.48
CA VAL A 410 18.63 -1.97 4.86
C VAL A 410 18.74 -3.37 5.49
N GLU A 411 17.77 -4.24 5.17
CA GLU A 411 17.75 -5.60 5.71
C GLU A 411 17.33 -6.58 4.62
N ALA A 412 17.60 -7.86 4.82
CA ALA A 412 17.19 -8.88 3.87
C ALA A 412 15.68 -9.03 4.03
N PHE A 413 14.97 -9.14 2.92
CA PHE A 413 13.52 -9.25 2.93
C PHE A 413 13.02 -10.43 3.76
N SER A 414 13.78 -11.52 3.80
CA SER A 414 13.37 -12.70 4.56
C SER A 414 13.47 -12.50 6.07
N GLU A 415 14.28 -11.53 6.49
CA GLU A 415 14.47 -11.24 7.91
C GLU A 415 13.60 -10.12 8.43
N TYR A 416 13.62 -8.98 7.74
CA TYR A 416 12.84 -7.81 8.12
C TYR A 416 12.19 -7.29 6.85
N PRO A 417 11.05 -7.87 6.45
CA PRO A 417 10.34 -7.47 5.23
C PRO A 417 10.22 -5.97 4.92
N PRO A 418 9.73 -5.16 5.88
CA PRO A 418 9.58 -3.71 5.65
C PRO A 418 10.86 -2.96 5.28
N LEU A 419 12.00 -3.52 5.64
CA LEU A 419 13.27 -2.87 5.31
C LEU A 419 14.00 -3.63 4.21
N GLY A 420 13.30 -4.56 3.56
CA GLY A 420 13.92 -5.34 2.50
C GLY A 420 13.27 -5.26 1.12
N ARG A 421 12.34 -4.34 0.94
CA ARG A 421 11.70 -4.17 -0.36
C ARG A 421 11.91 -2.71 -0.75
N PHE A 422 12.13 -2.45 -2.04
CA PHE A 422 12.38 -1.09 -2.48
C PHE A 422 11.92 -0.79 -3.89
N ALA A 423 11.75 0.50 -4.17
CA ALA A 423 11.33 0.95 -5.49
C ALA A 423 12.46 1.75 -6.12
N VAL A 424 12.65 1.56 -7.42
CA VAL A 424 13.68 2.28 -8.16
C VAL A 424 12.99 3.35 -9.01
N ARG A 425 13.35 4.61 -8.77
CA ARG A 425 12.76 5.74 -9.48
C ARG A 425 13.62 6.30 -10.61
N ASP A 426 12.98 6.61 -11.74
CA ASP A 426 13.65 7.21 -12.89
C ASP A 426 12.64 7.39 -14.02
N MET A 427 12.90 8.37 -14.88
CA MET A 427 12.02 8.62 -16.02
C MET A 427 10.58 8.90 -15.57
N ARG A 428 10.45 9.58 -14.43
CA ARG A 428 9.15 9.95 -13.88
C ARG A 428 8.28 8.74 -13.53
N GLN A 429 8.88 7.69 -12.98
CA GLN A 429 8.10 6.52 -12.62
C GLN A 429 8.97 5.50 -11.90
N THR A 430 8.35 4.42 -11.45
CA THR A 430 9.07 3.35 -10.81
C THR A 430 9.46 2.46 -11.98
N VAL A 431 10.75 2.28 -12.21
CA VAL A 431 11.22 1.45 -13.32
C VAL A 431 11.53 0.04 -12.89
N ALA A 432 11.64 -0.19 -11.59
CA ALA A 432 11.95 -1.51 -11.08
C ALA A 432 11.59 -1.66 -9.60
N VAL A 433 11.37 -2.90 -9.18
CA VAL A 433 11.07 -3.21 -7.79
C VAL A 433 12.13 -4.21 -7.34
N GLY A 434 12.63 -4.02 -6.12
CA GLY A 434 13.65 -4.92 -5.61
C GLY A 434 13.32 -5.59 -4.28
N VAL A 435 13.84 -6.79 -4.09
CA VAL A 435 13.67 -7.56 -2.87
C VAL A 435 15.09 -7.94 -2.44
N ILE A 436 15.54 -7.38 -1.32
CA ILE A 436 16.90 -7.62 -0.85
C ILE A 436 17.13 -9.05 -0.37
N LYS A 437 18.16 -9.69 -0.91
CA LYS A 437 18.47 -11.07 -0.56
C LYS A 437 19.58 -11.20 0.49
N SER A 438 20.55 -10.28 0.45
CA SER A 438 21.64 -10.32 1.42
C SER A 438 22.20 -8.92 1.63
N VAL A 439 22.86 -8.71 2.76
CA VAL A 439 23.43 -7.40 3.06
C VAL A 439 24.84 -7.54 3.65
N ASP A 440 25.76 -6.70 3.17
CA ASP A 440 27.12 -6.73 3.70
C ASP A 440 27.19 -5.58 4.69
N LYS A 441 27.06 -5.93 5.97
CA LYS A 441 27.07 -4.94 7.05
C LYS A 441 28.45 -4.71 7.63
N PRO B 5 -14.03 9.71 -19.53
CA PRO B 5 -13.62 10.69 -18.49
C PRO B 5 -12.22 10.41 -17.96
N ALA B 6 -11.58 11.45 -17.44
CA ALA B 6 -10.23 11.36 -16.90
C ALA B 6 -10.17 10.48 -15.66
N ALA B 7 -9.18 9.59 -15.60
CA ALA B 7 -9.03 8.71 -14.44
C ALA B 7 -8.54 9.55 -13.26
N LYS B 8 -9.07 9.27 -12.07
CA LYS B 8 -8.69 10.02 -10.87
C LYS B 8 -8.35 9.12 -9.70
N SER B 9 -7.63 9.68 -8.72
CA SER B 9 -7.26 8.96 -7.52
C SER B 9 -7.38 9.92 -6.35
N ILE B 10 -7.72 9.39 -5.18
CA ILE B 10 -7.82 10.19 -3.98
C ILE B 10 -6.53 9.95 -3.20
N VAL B 11 -5.89 11.04 -2.77
CA VAL B 11 -4.64 10.91 -2.03
C VAL B 11 -4.73 11.63 -0.70
N THR B 12 -4.27 10.97 0.36
CA THR B 12 -4.27 11.61 1.68
C THR B 12 -2.81 11.83 2.03
N LEU B 13 -2.44 13.09 2.22
CA LEU B 13 -1.06 13.44 2.54
C LEU B 13 -0.89 13.87 3.99
N ASP B 14 0.24 13.49 4.57
CA ASP B 14 0.58 13.89 5.92
C ASP B 14 1.67 14.95 5.75
N VAL B 15 1.44 16.14 6.32
CA VAL B 15 2.42 17.23 6.23
C VAL B 15 2.88 17.51 7.66
N LYS B 16 4.17 17.32 7.90
CA LYS B 16 4.73 17.50 9.23
C LYS B 16 5.46 18.82 9.46
N PRO B 17 5.28 19.44 10.64
CA PRO B 17 5.92 20.71 11.02
C PRO B 17 7.34 20.50 11.53
N TRP B 18 7.98 21.56 12.02
CA TRP B 18 9.34 21.46 12.56
C TRP B 18 9.32 21.17 14.06
N ASP B 19 8.32 21.68 14.75
CA ASP B 19 8.20 21.45 16.19
C ASP B 19 6.77 21.71 16.67
N ASP B 20 6.62 21.80 17.98
CA ASP B 20 5.31 22.03 18.58
C ASP B 20 4.90 23.49 18.53
N GLU B 21 5.78 24.33 17.99
CA GLU B 21 5.51 25.76 17.88
C GLU B 21 5.19 26.25 16.46
N THR B 22 5.45 25.43 15.45
CA THR B 22 5.16 25.80 14.07
C THR B 22 3.70 26.25 13.92
N ASN B 23 3.48 27.35 13.20
CA ASN B 23 2.13 27.86 13.00
C ASN B 23 1.42 26.94 12.01
N LEU B 24 0.53 26.10 12.53
CA LEU B 24 -0.19 25.14 11.68
C LEU B 24 -1.22 25.74 10.73
N GLU B 25 -1.86 26.83 11.13
CA GLU B 25 -2.84 27.47 10.24
C GLU B 25 -2.14 28.00 9.00
N GLU B 26 -0.94 28.55 9.17
CA GLU B 26 -0.18 29.06 8.04
C GLU B 26 0.27 27.88 7.18
N MET B 27 0.68 26.81 7.85
CA MET B 27 1.14 25.63 7.13
C MET B 27 0.07 25.09 6.17
N VAL B 28 -1.15 24.92 6.65
CA VAL B 28 -2.20 24.39 5.76
C VAL B 28 -2.65 25.43 4.72
N ALA B 29 -2.61 26.71 5.08
CA ALA B 29 -2.99 27.74 4.12
C ALA B 29 -2.03 27.68 2.94
N ASN B 30 -0.74 27.55 3.23
CA ASN B 30 0.26 27.50 2.17
C ASN B 30 0.08 26.27 1.28
N VAL B 31 -0.28 25.13 1.87
CA VAL B 31 -0.51 23.92 1.09
C VAL B 31 -1.69 24.14 0.14
N LYS B 32 -2.81 24.59 0.70
CA LYS B 32 -4.02 24.80 -0.08
C LYS B 32 -3.89 25.88 -1.15
N ALA B 33 -2.86 26.73 -1.04
CA ALA B 33 -2.64 27.79 -2.01
C ALA B 33 -1.94 27.26 -3.26
N ILE B 34 -1.42 26.05 -3.17
CA ILE B 34 -0.74 25.43 -4.31
C ILE B 34 -1.73 25.05 -5.39
N GLU B 35 -1.46 25.49 -6.62
CA GLU B 35 -2.34 25.21 -7.76
C GLU B 35 -1.66 24.32 -8.81
N MET B 36 -2.38 23.31 -9.25
CA MET B 36 -1.89 22.38 -10.26
C MET B 36 -3.08 21.94 -11.11
N GLU B 37 -2.88 21.91 -12.42
CA GLU B 37 -3.96 21.50 -13.31
C GLU B 37 -4.31 20.05 -12.97
N GLY B 38 -5.59 19.81 -12.69
CA GLY B 38 -6.04 18.46 -12.36
C GLY B 38 -6.01 18.15 -10.88
N LEU B 39 -5.66 19.14 -10.07
CA LEU B 39 -5.58 18.98 -8.62
C LEU B 39 -6.70 19.71 -7.89
N THR B 40 -7.38 18.98 -6.99
CA THR B 40 -8.47 19.56 -6.19
C THR B 40 -8.22 19.23 -4.72
N TRP B 41 -8.07 20.26 -3.89
CA TRP B 41 -7.85 20.06 -2.46
C TRP B 41 -9.13 19.65 -1.76
N GLY B 42 -9.01 18.74 -0.80
CA GLY B 42 -10.16 18.27 -0.07
C GLY B 42 -10.10 18.62 1.41
N ALA B 43 -10.78 17.82 2.23
CA ALA B 43 -10.83 18.03 3.67
C ALA B 43 -9.49 17.81 4.35
N HIS B 44 -9.30 18.46 5.51
CA HIS B 44 -8.07 18.32 6.27
C HIS B 44 -8.36 18.38 7.76
N GLN B 45 -7.39 17.91 8.55
CA GLN B 45 -7.50 17.91 9.99
C GLN B 45 -6.09 17.83 10.56
N PHE B 46 -5.94 18.27 11.81
CA PHE B 46 -4.66 18.21 12.48
C PHE B 46 -4.70 17.06 13.46
N ILE B 47 -3.73 16.16 13.36
CA ILE B 47 -3.67 14.98 14.21
C ILE B 47 -2.46 14.96 15.14
N PRO B 48 -2.70 14.79 16.44
CA PRO B 48 -1.61 14.75 17.43
C PRO B 48 -0.75 13.52 17.16
N ILE B 49 0.56 13.69 17.18
CA ILE B 49 1.47 12.58 16.95
C ILE B 49 2.37 12.33 18.15
N GLY B 50 2.13 13.10 19.21
CA GLY B 50 2.92 12.94 20.43
C GLY B 50 3.68 14.17 20.89
N PHE B 51 3.85 14.31 22.20
CA PHE B 51 4.59 15.42 22.79
C PHE B 51 4.13 16.82 22.36
N GLY B 52 2.84 16.98 22.11
CA GLY B 52 2.34 18.29 21.72
C GLY B 52 2.41 18.60 20.24
N ILE B 53 3.14 17.78 19.49
CA ILE B 53 3.29 17.98 18.05
C ILE B 53 2.04 17.48 17.31
N LYS B 54 1.65 18.21 16.28
CA LYS B 54 0.49 17.83 15.47
C LYS B 54 0.87 17.83 14.00
N LYS B 55 0.39 16.84 13.26
CA LYS B 55 0.67 16.77 11.83
C LYS B 55 -0.59 17.17 11.08
N LEU B 56 -0.43 17.63 9.85
CA LEU B 56 -1.56 17.99 9.02
C LEU B 56 -1.88 16.79 8.13
N GLN B 57 -3.13 16.35 8.12
CA GLN B 57 -3.55 15.25 7.26
C GLN B 57 -4.55 15.91 6.32
N ILE B 58 -4.24 15.94 5.04
CA ILE B 58 -5.11 16.59 4.08
C ILE B 58 -5.35 15.74 2.84
N ASN B 59 -6.61 15.66 2.43
CA ASN B 59 -6.97 14.87 1.25
C ASN B 59 -6.95 15.75 0.02
N CYS B 60 -6.78 15.11 -1.13
CA CYS B 60 -6.83 15.80 -2.42
C CYS B 60 -7.25 14.77 -3.46
N VAL B 61 -7.84 15.26 -4.55
CA VAL B 61 -8.28 14.40 -5.64
C VAL B 61 -7.50 14.85 -6.86
N VAL B 62 -6.80 13.90 -7.49
CA VAL B 62 -5.97 14.22 -8.62
C VAL B 62 -6.27 13.44 -9.89
N GLU B 63 -6.10 14.10 -11.03
CA GLU B 63 -6.29 13.45 -12.31
C GLU B 63 -4.96 12.75 -12.58
N ASP B 64 -5.01 11.43 -12.66
CA ASP B 64 -3.82 10.61 -12.89
C ASP B 64 -2.85 11.14 -13.96
N ASP B 65 -3.38 11.51 -15.12
CA ASP B 65 -2.54 11.98 -16.21
C ASP B 65 -1.94 13.38 -16.08
N LYS B 66 -2.48 14.22 -15.19
CA LYS B 66 -1.97 15.58 -15.06
C LYS B 66 -1.17 15.91 -13.80
N VAL B 67 -1.39 15.19 -12.71
CA VAL B 67 -0.70 15.49 -11.47
C VAL B 67 0.37 14.51 -11.00
N SER B 68 1.59 15.00 -10.92
CA SER B 68 2.72 14.23 -10.44
C SER B 68 2.73 14.40 -8.92
N LEU B 69 2.60 13.31 -8.17
CA LEU B 69 2.60 13.44 -6.72
C LEU B 69 3.98 13.82 -6.21
N ASP B 70 5.02 13.40 -6.93
CA ASP B 70 6.38 13.75 -6.53
C ASP B 70 6.51 15.26 -6.59
N ASP B 71 6.06 15.85 -7.70
CA ASP B 71 6.13 17.29 -7.89
C ASP B 71 5.31 18.03 -6.82
N LEU B 72 4.13 17.50 -6.52
CA LEU B 72 3.26 18.12 -5.50
C LEU B 72 3.97 18.10 -4.15
N GLN B 73 4.51 16.94 -3.78
CA GLN B 73 5.20 16.85 -2.50
C GLN B 73 6.36 17.84 -2.44
N GLN B 74 7.13 17.90 -3.52
CA GLN B 74 8.28 18.80 -3.59
C GLN B 74 7.85 20.27 -3.43
N SER B 75 6.73 20.62 -4.06
CA SER B 75 6.20 21.98 -3.97
C SER B 75 5.80 22.32 -2.53
N ILE B 76 5.10 21.40 -1.88
CA ILE B 76 4.69 21.64 -0.50
C ILE B 76 5.93 21.85 0.38
N GLU B 77 6.94 21.01 0.18
CA GLU B 77 8.17 21.08 0.96
C GLU B 77 9.01 22.34 0.74
N GLU B 78 8.63 23.16 -0.24
CA GLU B 78 9.37 24.41 -0.48
C GLU B 78 9.13 25.35 0.69
N ASP B 79 8.01 25.17 1.39
CA ASP B 79 7.66 25.98 2.52
C ASP B 79 8.46 25.46 3.73
N GLU B 80 9.77 25.65 3.68
CA GLU B 80 10.71 25.17 4.70
C GLU B 80 10.48 25.79 6.08
N ASP B 81 9.93 27.01 6.11
CA ASP B 81 9.68 27.69 7.35
C ASP B 81 8.62 26.98 8.19
N HIS B 82 7.77 26.19 7.53
CA HIS B 82 6.71 25.46 8.23
C HIS B 82 6.75 23.94 8.08
N VAL B 83 7.22 23.47 6.94
CA VAL B 83 7.23 22.02 6.64
C VAL B 83 8.56 21.29 6.77
N GLN B 84 8.56 20.22 7.55
CA GLN B 84 9.77 19.40 7.70
C GLN B 84 9.78 18.28 6.66
N SER B 85 8.60 17.74 6.37
CA SER B 85 8.47 16.65 5.39
C SER B 85 7.00 16.35 5.10
N THR B 86 6.79 15.54 4.07
CA THR B 86 5.44 15.11 3.70
C THR B 86 5.53 13.62 3.41
N ASP B 87 4.41 12.92 3.57
CA ASP B 87 4.35 11.49 3.31
C ASP B 87 2.98 11.17 2.76
N ILE B 88 2.88 10.11 1.97
CA ILE B 88 1.59 9.71 1.43
C ILE B 88 1.00 8.71 2.40
N ALA B 89 -0.07 9.11 3.09
CA ALA B 89 -0.72 8.25 4.08
C ALA B 89 -1.69 7.26 3.45
N ALA B 90 -2.25 7.60 2.29
CA ALA B 90 -3.19 6.71 1.64
C ALA B 90 -3.49 7.13 0.21
N MET B 91 -3.83 6.14 -0.62
CA MET B 91 -4.18 6.36 -2.01
C MET B 91 -5.33 5.43 -2.35
N GLN B 92 -6.37 5.95 -2.99
CA GLN B 92 -7.55 5.14 -3.33
C GLN B 92 -8.13 5.49 -4.68
N ALA B 93 -8.64 4.48 -5.37
CA ALA B 93 -9.26 4.69 -6.68
C ALA B 93 -10.59 5.40 -6.46
N LEU B 94 -10.97 6.25 -7.41
CA LEU B 94 -12.25 6.94 -7.31
C LEU B 94 -13.24 6.27 -8.24
#